data_5B51
#
_entry.id   5B51
#
_cell.length_a   73.060
_cell.length_b   73.060
_cell.length_c   147.070
_cell.angle_alpha   90.00
_cell.angle_beta   90.00
_cell.angle_gamma   90.00
#
_symmetry.space_group_name_H-M   'P 41 21 2'
#
loop_
_entity.id
_entity.type
_entity.pdbx_description
1 polymer 'ABC-type transporter, periplasmic component'
2 non-polymer 'PROTOPORPHYRIN IX CONTAINING FE'
3 water water
#
_entity_poly.entity_id   1
_entity_poly.type   'polypeptide(L)'
_entity_poly.pdbx_seq_one_letter_code
;MASWDSPTASSNGDLIEEIQASSTSTDPRTFTGLSIVEDIGDVVPVTDNASPALPVSLTDADGNDVVVEDVSRILPLDLY
GTYSKTIAGLGLVDNIVGRTVSSTEPALADTEVVTTGGHTLNAEAILNLHPTLVIIDHSIGPREVIDQIRAAGVATVIMS
PQRSIASIGDDIRDIASVVGLPEEGEKLAERSVAEVEEASTVVDELTPEDPLKMVFLYAAGTGGVFFILGDAYGGRDLIE
GLGGVDMAAEKGIMDLAPANAEALAELNPDVFVMMSEGLVSTGGIDGLMERPGIAQTTAGQNQRVLALPDGQSLAFGAQT
GELLLRASRELYVQGGELEHHHHHH
;
_entity_poly.pdbx_strand_id   A
#
loop_
_chem_comp.id
_chem_comp.type
_chem_comp.name
_chem_comp.formula
HEM non-polymer 'PROTOPORPHYRIN IX CONTAINING FE' 'C34 H32 Fe N4 O4'
#
# COMPACT_ATOMS: atom_id res chain seq x y z
N SER A 10 -4.72 13.95 18.11
CA SER A 10 -4.14 13.33 16.88
C SER A 10 -3.24 12.15 17.21
N SER A 11 -3.49 10.99 16.59
CA SER A 11 -2.63 9.81 16.77
C SER A 11 -1.18 10.04 16.30
N ASN A 12 -1.00 10.96 15.36
CA ASN A 12 0.32 11.36 14.86
C ASN A 12 0.82 12.66 15.48
N GLY A 13 0.23 13.08 16.61
CA GLY A 13 0.51 14.37 17.21
C GLY A 13 1.97 14.60 17.62
N ASP A 14 2.55 13.60 18.29
CA ASP A 14 3.97 13.67 18.68
C ASP A 14 4.90 13.79 17.48
N LEU A 15 4.62 13.04 16.42
CA LEU A 15 5.41 13.09 15.19
C LEU A 15 5.32 14.46 14.52
N ILE A 16 4.10 15.00 14.47
CA ILE A 16 3.87 16.31 13.85
C ILE A 16 4.61 17.40 14.64
N GLU A 17 4.51 17.35 15.97
CA GLU A 17 5.24 18.28 16.84
C GLU A 17 6.76 18.20 16.63
N GLU A 18 7.28 16.97 16.50
CA GLU A 18 8.70 16.75 16.25
C GLU A 18 9.15 17.37 14.91
N ILE A 19 8.36 17.15 13.87
CA ILE A 19 8.67 17.68 12.53
C ILE A 19 8.64 19.21 12.54
N GLN A 20 7.62 19.79 13.18
CA GLN A 20 7.49 21.25 13.31
C GLN A 20 8.64 21.90 14.10
N ALA A 21 9.17 21.19 15.09
CA ALA A 21 10.33 21.65 15.87
C ALA A 21 11.67 21.52 15.11
N SER A 22 11.78 20.53 14.22
CA SER A 22 13.02 20.28 13.47
C SER A 22 13.12 21.15 12.21
N SER A 23 14.35 21.48 11.82
CA SER A 23 14.60 22.46 10.75
C SER A 23 14.39 21.91 9.34
N THR A 24 13.83 22.75 8.47
CA THR A 24 13.66 22.46 7.04
C THR A 24 14.07 23.67 6.16
N SER A 25 15.03 24.45 6.64
CA SER A 25 15.69 25.48 5.83
C SER A 25 16.65 24.85 4.81
N THR A 26 17.12 23.65 5.13
CA THR A 26 18.01 22.88 4.28
C THR A 26 17.40 22.52 2.92
N ASP A 27 18.26 22.37 1.92
CA ASP A 27 17.86 22.11 0.56
C ASP A 27 17.82 20.60 0.36
N PRO A 28 16.61 20.04 0.14
CA PRO A 28 16.52 18.59 0.03
C PRO A 28 17.18 18.01 -1.21
N ARG A 29 17.50 18.85 -2.20
CA ARG A 29 18.27 18.40 -3.36
C ARG A 29 19.74 18.12 -3.02
N THR A 30 20.20 18.55 -1.85
CA THR A 30 21.56 18.24 -1.38
C THR A 30 21.66 16.99 -0.50
N PHE A 31 20.54 16.36 -0.20
CA PHE A 31 20.58 15.15 0.59
C PHE A 31 21.06 14.03 -0.31
N THR A 32 21.79 13.09 0.28
CA THR A 32 22.32 11.96 -0.47
C THR A 32 22.00 10.68 0.27
N GLY A 33 22.04 9.58 -0.47
CA GLY A 33 22.00 8.26 0.11
C GLY A 33 20.59 7.76 0.38
N LEU A 34 20.57 6.59 0.97
CA LEU A 34 19.37 5.90 1.29
C LEU A 34 18.68 6.51 2.51
N SER A 35 17.37 6.67 2.41
CA SER A 35 16.51 6.91 3.57
C SER A 35 15.54 5.74 3.62
N ILE A 36 15.48 5.07 4.77
CA ILE A 36 14.58 3.93 4.91
CA ILE A 36 14.60 3.88 4.96
C ILE A 36 13.61 4.19 6.06
N VAL A 37 12.32 4.03 5.76
CA VAL A 37 11.26 4.17 6.75
C VAL A 37 11.02 2.79 7.35
N GLU A 38 11.01 2.73 8.68
CA GLU A 38 10.79 1.45 9.37
C GLU A 38 9.31 1.09 9.35
N ASP A 39 9.04 -0.20 9.54
CA ASP A 39 7.68 -0.70 9.61
C ASP A 39 6.87 0.09 10.64
N ILE A 40 5.64 0.43 10.25
CA ILE A 40 4.74 1.26 11.04
C ILE A 40 3.96 0.38 12.03
N GLY A 41 3.95 -0.92 11.81
CA GLY A 41 3.32 -1.87 12.73
C GLY A 41 1.86 -2.12 12.39
N ASP A 42 1.17 -2.67 13.36
CA ASP A 42 -0.23 -3.04 13.19
C ASP A 42 -1.11 -1.82 13.27
N VAL A 43 -2.23 -1.85 12.53
CA VAL A 43 -3.25 -0.81 12.63
C VAL A 43 -3.85 -0.85 14.04
N VAL A 44 -4.11 0.32 14.63
CA VAL A 44 -4.82 0.41 15.92
C VAL A 44 -6.32 0.22 15.63
N PRO A 45 -6.93 -0.87 16.14
CA PRO A 45 -8.35 -1.04 15.84
C PRO A 45 -9.23 0.01 16.50
N VAL A 46 -10.36 0.31 15.86
CA VAL A 46 -11.31 1.28 16.42
C VAL A 46 -12.17 0.71 17.54
N THR A 47 -12.15 -0.61 17.69
CA THR A 47 -12.93 -1.29 18.72
C THR A 47 -12.26 -2.59 19.13
N ASP A 48 -12.54 -3.03 20.36
CA ASP A 48 -12.18 -4.36 20.84
C ASP A 48 -13.39 -5.29 20.96
N ASN A 49 -14.56 -4.85 20.48
CA ASN A 49 -15.75 -5.70 20.57
CA ASN A 49 -15.80 -5.58 20.63
C ASN A 49 -16.64 -5.60 19.34
N ALA A 50 -15.99 -5.70 18.19
CA ALA A 50 -16.72 -5.73 16.91
C ALA A 50 -17.71 -6.89 16.90
N SER A 51 -18.95 -6.58 16.50
CA SER A 51 -20.03 -7.55 16.44
CA SER A 51 -20.04 -7.55 16.44
C SER A 51 -20.71 -7.44 15.08
N PRO A 52 -20.15 -8.14 14.07
CA PRO A 52 -20.71 -8.07 12.70
C PRO A 52 -22.22 -8.29 12.66
N ALA A 53 -22.90 -7.42 11.93
CA ALA A 53 -24.34 -7.50 11.72
C ALA A 53 -24.56 -8.26 10.42
N LEU A 54 -24.85 -9.54 10.54
CA LEU A 54 -24.92 -10.45 9.41
C LEU A 54 -26.28 -11.11 9.41
N PRO A 55 -26.78 -11.56 8.25
CA PRO A 55 -26.10 -11.55 6.97
C PRO A 55 -26.19 -10.23 6.21
N VAL A 56 -25.28 -10.09 5.25
CA VAL A 56 -25.22 -8.98 4.32
C VAL A 56 -25.45 -9.55 2.92
N SER A 57 -26.27 -8.86 2.13
CA SER A 57 -26.38 -9.18 0.71
CA SER A 57 -26.46 -9.15 0.70
C SER A 57 -25.80 -8.00 -0.07
N LEU A 58 -25.01 -8.30 -1.08
CA LEU A 58 -24.35 -7.28 -1.87
C LEU A 58 -24.16 -7.73 -3.31
N THR A 59 -23.91 -6.75 -4.16
CA THR A 59 -23.43 -6.99 -5.52
C THR A 59 -22.01 -6.44 -5.56
N ASP A 60 -21.05 -7.31 -5.90
CA ASP A 60 -19.64 -6.94 -5.82
C ASP A 60 -19.19 -6.19 -7.08
N ALA A 61 -17.91 -5.85 -7.13
CA ALA A 61 -17.41 -5.00 -8.20
C ALA A 61 -17.41 -5.64 -9.58
N ASP A 62 -17.43 -6.97 -9.63
CA ASP A 62 -17.58 -7.72 -10.89
C ASP A 62 -19.04 -8.02 -11.24
N GLY A 63 -19.98 -7.56 -10.42
CA GLY A 63 -21.39 -7.79 -10.67
C GLY A 63 -21.93 -9.06 -10.05
N ASN A 64 -21.15 -9.74 -9.21
CA ASN A 64 -21.61 -10.99 -8.58
C ASN A 64 -22.47 -10.67 -7.36
N ASP A 65 -23.62 -11.30 -7.24
CA ASP A 65 -24.41 -11.20 -6.03
C ASP A 65 -23.87 -12.17 -5.01
N VAL A 66 -23.62 -11.66 -3.81
CA VAL A 66 -23.00 -12.46 -2.75
C VAL A 66 -23.76 -12.24 -1.45
N VAL A 67 -23.92 -13.31 -0.68
CA VAL A 67 -24.37 -13.23 0.70
C VAL A 67 -23.20 -13.54 1.61
N VAL A 68 -22.92 -12.59 2.51
CA VAL A 68 -21.92 -12.78 3.53
C VAL A 68 -22.66 -13.11 4.82
N GLU A 69 -22.52 -14.34 5.25
CA GLU A 69 -23.25 -14.80 6.44
C GLU A 69 -22.35 -15.23 7.60
N ASP A 70 -21.05 -15.41 7.33
CA ASP A 70 -20.10 -15.87 8.34
C ASP A 70 -18.75 -15.25 8.04
N VAL A 71 -18.25 -14.41 8.96
CA VAL A 71 -16.95 -13.76 8.80
C VAL A 71 -15.94 -14.29 9.80
N SER A 72 -16.14 -15.52 10.27
CA SER A 72 -15.25 -16.08 11.26
C SER A 72 -13.87 -16.40 10.70
N ARG A 73 -13.78 -16.72 9.41
CA ARG A 73 -12.51 -17.13 8.79
C ARG A 73 -12.30 -16.36 7.49
N ILE A 74 -11.61 -15.23 7.59
CA ILE A 74 -11.47 -14.29 6.49
C ILE A 74 -10.11 -14.42 5.81
N LEU A 75 -10.13 -14.40 4.47
CA LEU A 75 -8.95 -14.23 3.64
C LEU A 75 -9.04 -12.90 2.91
N PRO A 76 -8.33 -11.86 3.41
CA PRO A 76 -8.37 -10.54 2.79
C PRO A 76 -7.13 -10.37 1.91
N LEU A 77 -7.27 -10.56 0.60
CA LEU A 77 -6.15 -10.78 -0.30
C LEU A 77 -6.07 -9.72 -1.39
N ASP A 78 -4.87 -9.17 -1.59
CA ASP A 78 -4.65 -8.18 -2.65
C ASP A 78 -3.14 -8.08 -2.91
N LEU A 79 -2.78 -7.25 -3.87
CA LEU A 79 -1.37 -7.00 -4.17
C LEU A 79 -0.72 -6.08 -3.15
N TYR A 80 -1.51 -5.18 -2.58
CA TYR A 80 -0.97 -4.00 -1.93
C TYR A 80 -0.90 -4.10 -0.41
N GLY A 81 -1.59 -5.06 0.19
CA GLY A 81 -1.64 -5.18 1.63
C GLY A 81 -2.69 -4.31 2.32
N THR A 82 -3.71 -3.83 1.58
CA THR A 82 -4.71 -2.96 2.16
C THR A 82 -5.76 -3.68 2.98
N TYR A 83 -6.36 -4.71 2.39
CA TYR A 83 -7.57 -5.28 2.99
C TYR A 83 -7.32 -5.89 4.36
N SER A 84 -6.19 -6.57 4.54
CA SER A 84 -5.89 -7.18 5.82
C SER A 84 -5.76 -6.11 6.91
N LYS A 85 -5.17 -4.96 6.55
CA LYS A 85 -5.02 -3.85 7.47
C LYS A 85 -6.37 -3.24 7.82
N THR A 86 -7.23 -3.06 6.82
CA THR A 86 -8.54 -2.49 7.10
C THR A 86 -9.38 -3.41 7.99
N ILE A 87 -9.34 -4.71 7.69
CA ILE A 87 -10.06 -5.71 8.49
C ILE A 87 -9.60 -5.63 9.95
N ALA A 88 -8.29 -5.51 10.18
CA ALA A 88 -7.78 -5.36 11.55
C ALA A 88 -8.24 -4.03 12.16
N GLY A 89 -8.25 -2.96 11.36
CA GLY A 89 -8.70 -1.66 11.85
C GLY A 89 -10.15 -1.66 12.30
N LEU A 90 -10.97 -2.50 11.67
CA LEU A 90 -12.39 -2.62 12.01
C LEU A 90 -12.66 -3.48 13.23
N GLY A 91 -11.64 -4.18 13.73
CA GLY A 91 -11.80 -5.02 14.91
C GLY A 91 -11.78 -6.50 14.67
N LEU A 92 -11.48 -6.93 13.44
CA LEU A 92 -11.55 -8.35 13.07
C LEU A 92 -10.19 -9.01 12.79
N VAL A 93 -9.12 -8.51 13.39
CA VAL A 93 -7.81 -9.11 13.11
C VAL A 93 -7.76 -10.61 13.46
N ASP A 94 -8.45 -11.02 14.51
CA ASP A 94 -8.41 -12.40 14.95
C ASP A 94 -9.16 -13.34 14.01
N ASN A 95 -9.96 -12.79 13.10
CA ASN A 95 -10.70 -13.59 12.12
C ASN A 95 -9.90 -13.90 10.86
N ILE A 96 -8.73 -13.27 10.69
CA ILE A 96 -7.93 -13.47 9.49
C ILE A 96 -7.18 -14.80 9.62
N VAL A 97 -7.37 -15.68 8.64
CA VAL A 97 -6.81 -17.05 8.68
C VAL A 97 -5.74 -17.35 7.61
N GLY A 98 -5.53 -16.41 6.70
CA GLY A 98 -4.51 -16.57 5.68
C GLY A 98 -4.20 -15.23 5.06
N ARG A 99 -3.10 -15.14 4.34
CA ARG A 99 -2.63 -13.86 3.80
C ARG A 99 -1.82 -14.05 2.54
N THR A 100 -1.66 -12.96 1.81
CA THR A 100 -0.67 -12.93 0.74
C THR A 100 0.67 -12.50 1.32
N VAL A 101 1.69 -12.57 0.46
CA VAL A 101 3.02 -12.05 0.82
C VAL A 101 3.04 -10.55 1.12
N SER A 102 2.07 -9.79 0.62
CA SER A 102 2.06 -8.35 0.81
C SER A 102 1.54 -7.88 2.15
N SER A 103 0.81 -8.73 2.87
CA SER A 103 0.26 -8.38 4.17
C SER A 103 1.29 -8.71 5.22
N THR A 104 2.29 -7.84 5.31
CA THR A 104 3.46 -8.08 6.13
C THR A 104 3.31 -7.56 7.55
N GLU A 105 2.15 -7.03 7.91
CA GLU A 105 1.97 -6.50 9.26
C GLU A 105 2.26 -7.55 10.34
N PRO A 106 2.78 -7.11 11.48
CA PRO A 106 3.25 -8.06 12.48
C PRO A 106 2.18 -9.03 13.00
N ALA A 107 0.93 -8.58 13.10
CA ALA A 107 -0.12 -9.44 13.64
C ALA A 107 -0.33 -10.70 12.82
N LEU A 108 0.02 -10.64 11.53
CA LEU A 108 -0.20 -11.76 10.63
C LEU A 108 1.08 -12.53 10.29
N ALA A 109 2.18 -12.29 11.01
CA ALA A 109 3.46 -12.88 10.63
C ALA A 109 3.48 -14.41 10.67
N ASP A 110 2.66 -15.00 11.54
CA ASP A 110 2.54 -16.46 11.68
C ASP A 110 1.31 -17.03 10.98
N THR A 111 0.63 -16.21 10.22
CA THR A 111 -0.56 -16.63 9.48
C THR A 111 -0.13 -17.26 8.16
N GLU A 112 -0.81 -18.33 7.76
CA GLU A 112 -0.46 -19.05 6.53
C GLU A 112 -0.55 -18.16 5.29
N VAL A 113 0.44 -18.31 4.40
CA VAL A 113 0.54 -17.57 3.16
C VAL A 113 -0.12 -18.40 2.07
N VAL A 114 -1.00 -17.76 1.28
CA VAL A 114 -1.80 -18.46 0.27
C VAL A 114 -1.42 -18.10 -1.17
N THR A 115 -0.32 -17.35 -1.33
CA THR A 115 0.27 -17.09 -2.63
C THR A 115 1.60 -17.82 -2.76
N THR A 116 2.02 -18.04 -3.99
CA THR A 116 3.30 -18.65 -4.34
C THR A 116 3.99 -17.81 -5.41
N GLY A 117 5.31 -17.97 -5.52
CA GLY A 117 6.10 -17.29 -6.55
C GLY A 117 5.82 -15.81 -6.65
N GLY A 118 5.78 -15.15 -5.50
CA GLY A 118 5.31 -13.78 -5.40
C GLY A 118 3.84 -13.75 -5.08
N HIS A 119 3.02 -13.55 -6.11
CA HIS A 119 1.61 -13.18 -5.93
C HIS A 119 0.59 -14.12 -6.54
N THR A 120 1.01 -15.33 -6.89
CA THR A 120 0.12 -16.27 -7.55
C THR A 120 -0.77 -16.96 -6.51
N LEU A 121 -2.08 -16.79 -6.64
CA LEU A 121 -3.02 -17.47 -5.75
C LEU A 121 -2.89 -18.98 -5.85
N ASN A 122 -2.88 -19.67 -4.71
CA ASN A 122 -2.84 -21.12 -4.70
C ASN A 122 -4.16 -21.65 -4.14
N ALA A 123 -4.95 -22.28 -5.01
CA ALA A 123 -6.29 -22.74 -4.64
C ALA A 123 -6.26 -23.74 -3.49
N GLU A 124 -5.34 -24.70 -3.56
CA GLU A 124 -5.20 -25.72 -2.52
C GLU A 124 -4.94 -25.08 -1.14
N ALA A 125 -4.00 -24.13 -1.08
CA ALA A 125 -3.68 -23.47 0.19
C ALA A 125 -4.87 -22.71 0.75
N ILE A 126 -5.62 -22.06 -0.14
CA ILE A 126 -6.82 -21.30 0.23
C ILE A 126 -7.90 -22.25 0.78
N LEU A 127 -8.24 -23.27 0.02
CA LEU A 127 -9.34 -24.15 0.41
C LEU A 127 -9.04 -24.97 1.66
N ASN A 128 -7.76 -25.31 1.87
CA ASN A 128 -7.34 -26.04 3.08
C ASN A 128 -7.49 -25.22 4.37
N LEU A 129 -7.62 -23.90 4.26
CA LEU A 129 -7.89 -23.04 5.41
C LEU A 129 -9.38 -22.92 5.75
N HIS A 130 -10.24 -23.54 4.95
CA HIS A 130 -11.69 -23.52 5.18
C HIS A 130 -12.18 -22.09 5.44
N PRO A 131 -11.90 -21.16 4.52
CA PRO A 131 -12.37 -19.80 4.70
C PRO A 131 -13.88 -19.71 4.63
N THR A 132 -14.45 -18.76 5.38
CA THR A 132 -15.86 -18.42 5.27
C THR A 132 -16.08 -17.15 4.44
N LEU A 133 -15.03 -16.34 4.24
CA LEU A 133 -15.14 -15.17 3.41
C LEU A 133 -13.80 -14.87 2.79
N VAL A 134 -13.79 -14.66 1.48
CA VAL A 134 -12.64 -14.13 0.76
C VAL A 134 -13.00 -12.73 0.30
N ILE A 135 -12.15 -11.76 0.64
CA ILE A 135 -12.25 -10.40 0.12
C ILE A 135 -11.03 -10.23 -0.78
N ILE A 136 -11.25 -9.89 -2.04
CA ILE A 136 -10.15 -9.89 -3.00
C ILE A 136 -10.42 -8.88 -4.09
N ASP A 137 -9.39 -8.59 -4.89
CA ASP A 137 -9.59 -7.79 -6.09
C ASP A 137 -8.71 -8.38 -7.20
N HIS A 138 -8.78 -7.78 -8.39
CA HIS A 138 -8.02 -8.29 -9.52
C HIS A 138 -6.59 -7.76 -9.62
N SER A 139 -6.08 -7.18 -8.54
CA SER A 139 -4.65 -6.86 -8.46
C SER A 139 -3.80 -8.12 -8.37
N ILE A 140 -4.42 -9.24 -7.99
CA ILE A 140 -3.77 -10.55 -7.97
C ILE A 140 -4.66 -11.57 -8.66
N GLY A 141 -4.04 -12.66 -9.07
CA GLY A 141 -4.75 -13.70 -9.80
C GLY A 141 -4.01 -15.01 -9.59
N PRO A 142 -4.29 -16.01 -10.42
CA PRO A 142 -5.12 -15.89 -11.62
C PRO A 142 -6.60 -15.77 -11.32
N ARG A 143 -7.33 -15.11 -12.22
CA ARG A 143 -8.79 -14.99 -12.13
CA ARG A 143 -8.77 -14.99 -12.00
C ARG A 143 -9.46 -16.35 -11.98
N GLU A 144 -8.91 -17.35 -12.66
CA GLU A 144 -9.45 -18.72 -12.62
C GLU A 144 -9.43 -19.32 -11.21
N VAL A 145 -8.42 -18.98 -10.41
CA VAL A 145 -8.35 -19.47 -9.03
C VAL A 145 -9.45 -18.81 -8.20
N ILE A 146 -9.69 -17.53 -8.42
CA ILE A 146 -10.76 -16.83 -7.70
C ILE A 146 -12.10 -17.52 -8.03
N ASP A 147 -12.30 -17.83 -9.31
CA ASP A 147 -13.51 -18.55 -9.72
C ASP A 147 -13.63 -19.94 -9.09
N GLN A 148 -12.52 -20.64 -8.98
CA GLN A 148 -12.49 -21.97 -8.37
C GLN A 148 -12.90 -21.93 -6.90
N ILE A 149 -12.43 -20.91 -6.19
CA ILE A 149 -12.71 -20.76 -4.75
C ILE A 149 -14.21 -20.51 -4.54
N ARG A 150 -14.78 -19.63 -5.34
CA ARG A 150 -16.21 -19.38 -5.27
C ARG A 150 -17.01 -20.66 -5.59
N ALA A 151 -16.58 -21.36 -6.63
CA ALA A 151 -17.25 -22.58 -7.04
C ALA A 151 -17.18 -23.70 -5.99
N ALA A 152 -16.14 -23.67 -5.15
CA ALA A 152 -16.02 -24.60 -4.03
C ALA A 152 -16.96 -24.29 -2.86
N GLY A 153 -17.71 -23.19 -2.95
CA GLY A 153 -18.66 -22.82 -1.91
C GLY A 153 -18.18 -21.76 -0.95
N VAL A 154 -17.12 -21.03 -1.29
CA VAL A 154 -16.60 -19.99 -0.41
C VAL A 154 -17.15 -18.64 -0.86
N ALA A 155 -17.84 -17.94 0.04
CA ALA A 155 -18.32 -16.60 -0.25
C ALA A 155 -17.12 -15.71 -0.58
N THR A 156 -17.13 -15.16 -1.79
CA THR A 156 -16.01 -14.42 -2.34
C THR A 156 -16.55 -13.09 -2.82
N VAL A 157 -15.91 -12.01 -2.38
CA VAL A 157 -16.37 -10.67 -2.70
C VAL A 157 -15.23 -9.95 -3.42
N ILE A 158 -15.49 -9.56 -4.67
CA ILE A 158 -14.55 -8.79 -5.47
C ILE A 158 -14.74 -7.31 -5.19
N MET A 159 -13.67 -6.64 -4.78
CA MET A 159 -13.66 -5.21 -4.55
C MET A 159 -12.98 -4.55 -5.74
N SER A 160 -13.25 -3.26 -5.91
CA SER A 160 -12.53 -2.43 -6.85
C SER A 160 -12.32 -1.07 -6.19
N PRO A 161 -11.33 -1.01 -5.30
CA PRO A 161 -11.11 0.20 -4.54
C PRO A 161 -10.61 1.32 -5.42
N GLN A 162 -10.88 2.54 -5.01
CA GLN A 162 -10.46 3.72 -5.77
CA GLN A 162 -10.45 3.72 -5.76
C GLN A 162 -8.95 3.95 -5.62
N ARG A 163 -8.38 3.61 -4.46
CA ARG A 163 -6.94 3.73 -4.23
C ARG A 163 -6.38 5.11 -4.57
N SER A 164 -7.03 6.12 -4.02
CA SER A 164 -6.49 7.47 -3.99
C SER A 164 -6.53 7.95 -2.55
N ILE A 165 -5.74 8.96 -2.25
CA ILE A 165 -5.78 9.53 -0.91
C ILE A 165 -7.17 10.09 -0.59
N ALA A 166 -7.80 10.77 -1.55
CA ALA A 166 -9.15 11.32 -1.36
C ALA A 166 -10.18 10.26 -1.02
N SER A 167 -9.98 9.03 -1.50
CA SER A 167 -10.93 7.93 -1.30
C SER A 167 -10.57 6.95 -0.20
N ILE A 168 -9.60 7.26 0.66
CA ILE A 168 -9.23 6.34 1.73
C ILE A 168 -10.46 5.98 2.58
N GLY A 169 -11.26 6.97 2.91
CA GLY A 169 -12.44 6.73 3.73
C GLY A 169 -13.49 5.87 3.04
N ASP A 170 -13.78 6.18 1.78
CA ASP A 170 -14.77 5.42 1.03
C ASP A 170 -14.33 3.98 0.83
N ASP A 171 -13.04 3.76 0.57
CA ASP A 171 -12.55 2.38 0.45
C ASP A 171 -12.72 1.59 1.77
N ILE A 172 -12.48 2.25 2.90
CA ILE A 172 -12.72 1.63 4.21
C ILE A 172 -14.21 1.33 4.41
N ARG A 173 -15.08 2.30 4.09
CA ARG A 173 -16.51 2.09 4.27
C ARG A 173 -16.98 0.90 3.44
N ASP A 174 -16.41 0.75 2.24
CA ASP A 174 -16.81 -0.38 1.39
C ASP A 174 -16.46 -1.71 2.04
N ILE A 175 -15.25 -1.84 2.58
CA ILE A 175 -14.86 -3.08 3.28
C ILE A 175 -15.76 -3.32 4.50
N ALA A 176 -16.02 -2.26 5.25
CA ALA A 176 -16.83 -2.38 6.46
C ALA A 176 -18.23 -2.89 6.15
N SER A 177 -18.78 -2.48 5.01
CA SER A 177 -20.12 -2.92 4.62
CA SER A 177 -20.11 -2.93 4.59
CA SER A 177 -20.12 -2.92 4.62
C SER A 177 -20.15 -4.43 4.37
N VAL A 178 -19.09 -4.96 3.77
CA VAL A 178 -18.99 -6.39 3.45
C VAL A 178 -19.08 -7.25 4.71
N VAL A 179 -18.44 -6.78 5.78
CA VAL A 179 -18.35 -7.55 7.02
C VAL A 179 -19.36 -7.10 8.07
N GLY A 180 -20.31 -6.23 7.71
CA GLY A 180 -21.40 -5.88 8.60
C GLY A 180 -20.97 -5.03 9.77
N LEU A 181 -19.99 -4.15 9.54
CA LEU A 181 -19.46 -3.25 10.58
C LEU A 181 -19.50 -1.79 10.12
N PRO A 182 -20.68 -1.29 9.73
CA PRO A 182 -20.72 0.09 9.21
C PRO A 182 -20.29 1.17 10.20
N GLU A 183 -20.63 1.03 11.47
CA GLU A 183 -20.24 2.05 12.45
C GLU A 183 -18.72 2.08 12.65
N GLU A 184 -18.10 0.91 12.73
CA GLU A 184 -16.65 0.83 12.82
C GLU A 184 -15.99 1.38 11.56
N GLY A 185 -16.61 1.12 10.41
CA GLY A 185 -16.13 1.64 9.15
C GLY A 185 -16.12 3.15 9.12
N GLU A 186 -17.19 3.75 9.64
CA GLU A 186 -17.30 5.20 9.63
C GLU A 186 -16.26 5.81 10.56
N LYS A 187 -16.07 5.20 11.73
CA LYS A 187 -15.07 5.66 12.69
C LYS A 187 -13.67 5.55 12.11
N LEU A 188 -13.35 4.40 11.52
CA LEU A 188 -12.02 4.16 10.95
C LEU A 188 -11.77 5.08 9.75
N ALA A 189 -12.79 5.28 8.91
CA ALA A 189 -12.69 6.15 7.76
C ALA A 189 -12.38 7.58 8.19
N GLU A 190 -13.15 8.09 9.16
CA GLU A 190 -12.97 9.47 9.59
C GLU A 190 -11.61 9.68 10.25
N ARG A 191 -11.20 8.73 11.07
CA ARG A 191 -9.91 8.80 11.75
C ARG A 191 -8.77 8.84 10.73
N SER A 192 -8.87 7.96 9.73
CA SER A 192 -7.82 7.82 8.72
C SER A 192 -7.74 9.04 7.82
N VAL A 193 -8.90 9.60 7.44
CA VAL A 193 -8.94 10.80 6.60
C VAL A 193 -8.46 12.03 7.38
N ALA A 194 -8.84 12.14 8.64
CA ALA A 194 -8.27 13.19 9.49
C ALA A 194 -6.74 13.09 9.53
N GLU A 195 -6.22 11.88 9.73
CA GLU A 195 -4.77 11.68 9.82
C GLU A 195 -4.06 12.05 8.51
N VAL A 196 -4.64 11.70 7.37
CA VAL A 196 -4.01 12.04 6.07
CA VAL A 196 -4.01 12.01 6.09
C VAL A 196 -4.03 13.53 5.78
N GLU A 197 -5.14 14.20 6.12
CA GLU A 197 -5.24 15.65 5.88
C GLU A 197 -4.26 16.43 6.75
N GLU A 198 -4.15 15.98 7.99
CA GLU A 198 -3.18 16.53 8.94
C GLU A 198 -1.74 16.35 8.43
N ALA A 199 -1.44 15.15 7.94
CA ALA A 199 -0.12 14.84 7.36
C ALA A 199 0.20 15.77 6.20
N SER A 200 -0.81 15.99 5.35
CA SER A 200 -0.66 16.82 4.17
C SER A 200 -0.34 18.28 4.49
N THR A 201 -0.95 18.81 5.56
CA THR A 201 -0.64 20.16 6.03
C THR A 201 0.85 20.26 6.37
N VAL A 202 1.39 19.24 7.03
CA VAL A 202 2.81 19.20 7.37
C VAL A 202 3.71 19.01 6.14
N VAL A 203 3.34 18.07 5.27
CA VAL A 203 4.07 17.86 4.02
C VAL A 203 4.17 19.17 3.23
N ASP A 204 3.05 19.89 3.13
CA ASP A 204 3.05 21.19 2.41
C ASP A 204 4.02 22.22 2.99
N GLU A 205 4.21 22.20 4.31
CA GLU A 205 5.19 23.10 4.94
C GLU A 205 6.64 22.71 4.67
N LEU A 206 6.88 21.41 4.50
CA LEU A 206 8.23 20.88 4.29
C LEU A 206 8.72 20.93 2.87
N THR A 207 7.80 20.94 1.90
CA THR A 207 8.18 20.74 0.51
C THR A 207 8.92 21.95 -0.06
N PRO A 208 9.90 21.70 -0.94
CA PRO A 208 10.58 22.82 -1.61
C PRO A 208 9.66 23.48 -2.64
N GLU A 209 9.99 24.72 -3.01
CA GLU A 209 9.18 25.45 -3.98
C GLU A 209 9.12 24.74 -5.33
N ASP A 210 10.24 24.19 -5.75
CA ASP A 210 10.34 23.37 -6.95
C ASP A 210 10.25 21.90 -6.49
N PRO A 211 9.13 21.23 -6.75
CA PRO A 211 8.96 19.88 -6.18
C PRO A 211 10.02 18.90 -6.68
N LEU A 212 10.37 17.95 -5.82
CA LEU A 212 11.27 16.89 -6.22
C LEU A 212 10.61 15.98 -7.24
N LYS A 213 11.37 15.60 -8.26
CA LYS A 213 10.92 14.64 -9.27
C LYS A 213 11.15 13.24 -8.72
N MET A 214 10.13 12.39 -8.79
CA MET A 214 10.23 11.05 -8.22
C MET A 214 9.72 10.01 -9.18
N VAL A 215 10.19 8.79 -9.02
CA VAL A 215 9.52 7.64 -9.63
C VAL A 215 9.45 6.55 -8.59
N PHE A 216 8.45 5.69 -8.74
CA PHE A 216 8.35 4.51 -7.92
C PHE A 216 8.96 3.36 -8.72
N LEU A 217 10.06 2.83 -8.18
CA LEU A 217 10.80 1.74 -8.81
CA LEU A 217 10.78 1.75 -8.82
C LEU A 217 10.46 0.46 -8.09
N TYR A 218 9.91 -0.52 -8.81
CA TYR A 218 9.60 -1.83 -8.24
C TYR A 218 10.69 -2.81 -8.64
N ALA A 219 11.22 -3.54 -7.65
CA ALA A 219 12.23 -4.57 -7.89
C ALA A 219 11.90 -5.86 -7.16
N ALA A 220 12.11 -6.98 -7.84
CA ALA A 220 12.07 -8.30 -7.18
C ALA A 220 13.23 -9.11 -7.77
N GLY A 221 14.36 -9.07 -7.07
CA GLY A 221 15.55 -9.79 -7.50
C GLY A 221 16.51 -8.92 -8.29
N THR A 222 17.55 -9.55 -8.83
CA THR A 222 18.59 -8.87 -9.60
C THR A 222 18.39 -8.96 -11.12
N GLY A 223 17.30 -9.58 -11.56
CA GLY A 223 17.01 -9.74 -12.98
C GLY A 223 16.02 -8.72 -13.51
N GLY A 224 15.16 -9.17 -14.42
CA GLY A 224 14.29 -8.29 -15.16
C GLY A 224 13.02 -7.81 -14.49
N VAL A 225 12.76 -8.21 -13.23
CA VAL A 225 11.58 -7.69 -12.51
C VAL A 225 12.02 -6.36 -11.90
N PHE A 226 11.97 -5.32 -12.73
CA PHE A 226 12.56 -4.02 -12.43
C PHE A 226 11.82 -2.96 -13.27
N PHE A 227 10.87 -2.29 -12.64
CA PHE A 227 9.87 -1.52 -13.33
C PHE A 227 9.66 -0.14 -12.74
N ILE A 228 9.34 0.81 -13.61
N ILE A 228 9.33 0.81 -13.60
CA ILE A 228 8.74 2.07 -13.20
CA ILE A 228 8.74 2.07 -13.20
C ILE A 228 7.24 1.82 -13.12
C ILE A 228 7.24 1.82 -13.11
N LEU A 229 6.67 1.97 -11.92
CA LEU A 229 5.24 1.78 -11.73
C LEU A 229 4.46 3.01 -12.18
N GLY A 230 3.37 2.76 -12.89
CA GLY A 230 2.52 3.81 -13.41
C GLY A 230 1.18 3.92 -12.73
N ASP A 231 0.23 4.50 -13.46
CA ASP A 231 -1.06 4.89 -12.92
C ASP A 231 -1.78 3.77 -12.18
N ALA A 232 -1.76 2.57 -12.75
CA ALA A 232 -2.54 1.45 -12.22
C ALA A 232 -2.17 1.04 -10.81
N TYR A 233 -0.94 1.33 -10.40
CA TYR A 233 -0.42 0.89 -9.11
C TYR A 233 -0.58 1.93 -8.00
N GLY A 234 -0.92 3.16 -8.37
CA GLY A 234 -1.30 4.16 -7.38
C GLY A 234 -0.15 4.93 -6.77
N GLY A 235 1.06 4.72 -7.26
CA GLY A 235 2.21 5.41 -6.69
C GLY A 235 2.19 6.92 -6.93
N ARG A 236 1.48 7.37 -7.98
CA ARG A 236 1.32 8.83 -8.19
C ARG A 236 0.72 9.47 -6.95
N ASP A 237 -0.26 8.78 -6.40
CA ASP A 237 -0.97 9.24 -5.23
C ASP A 237 0.01 9.39 -4.04
N LEU A 238 0.90 8.42 -3.88
CA LEU A 238 1.94 8.43 -2.86
C LEU A 238 2.93 9.56 -3.09
N ILE A 239 3.45 9.63 -4.31
CA ILE A 239 4.47 10.62 -4.65
C ILE A 239 3.92 12.02 -4.47
N GLU A 240 2.72 12.28 -4.97
CA GLU A 240 2.11 13.60 -4.79
C GLU A 240 1.76 13.87 -3.33
N GLY A 241 1.41 12.83 -2.59
CA GLY A 241 1.20 12.91 -1.13
C GLY A 241 2.46 13.28 -0.37
N LEU A 242 3.62 12.93 -0.92
CA LEU A 242 4.91 13.34 -0.40
C LEU A 242 5.41 14.69 -0.93
N GLY A 243 4.58 15.37 -1.72
CA GLY A 243 4.94 16.66 -2.30
C GLY A 243 5.77 16.60 -3.56
N GLY A 244 5.95 15.39 -4.11
CA GLY A 244 6.73 15.19 -5.32
C GLY A 244 5.88 15.26 -6.58
N VAL A 245 6.57 15.23 -7.71
CA VAL A 245 5.97 15.05 -9.02
C VAL A 245 6.37 13.65 -9.49
N ASP A 246 5.39 12.87 -9.90
CA ASP A 246 5.62 11.50 -10.37
C ASP A 246 5.97 11.57 -11.83
N MET A 247 7.22 11.30 -12.17
CA MET A 247 7.65 11.38 -13.56
C MET A 247 6.98 10.31 -14.42
N ALA A 248 6.51 9.21 -13.84
CA ALA A 248 5.73 8.22 -14.60
C ALA A 248 4.45 8.85 -15.09
N ALA A 249 3.82 9.66 -14.24
CA ALA A 249 2.60 10.38 -14.62
C ALA A 249 2.89 11.44 -15.68
N GLU A 250 3.99 12.16 -15.54
CA GLU A 250 4.41 13.12 -16.56
C GLU A 250 4.58 12.44 -17.93
N LYS A 251 5.14 11.24 -17.93
CA LYS A 251 5.39 10.48 -19.16
C LYS A 251 4.15 9.73 -19.68
N GLY A 252 3.12 9.60 -18.85
CA GLY A 252 1.89 8.92 -19.27
C GLY A 252 1.94 7.41 -19.13
N ILE A 253 2.72 6.90 -18.17
CA ILE A 253 2.81 5.46 -17.95
C ILE A 253 1.56 5.03 -17.17
N MET A 254 0.74 4.19 -17.80
CA MET A 254 -0.56 3.84 -17.22
CA MET A 254 -0.58 3.79 -17.29
C MET A 254 -0.54 2.53 -16.46
N ASP A 255 0.37 1.62 -16.81
CA ASP A 255 0.52 0.34 -16.13
C ASP A 255 1.91 0.32 -15.50
N LEU A 256 2.89 -0.23 -16.19
CA LEU A 256 4.27 -0.11 -15.75
C LEU A 256 5.16 -0.15 -16.99
N ALA A 257 6.40 0.25 -16.81
CA ALA A 257 7.36 0.27 -17.90
C ALA A 257 8.66 -0.29 -17.38
N PRO A 258 9.40 -1.03 -18.21
CA PRO A 258 10.71 -1.49 -17.76
C PRO A 258 11.61 -0.32 -17.45
N ALA A 259 12.32 -0.39 -16.33
CA ALA A 259 13.22 0.66 -15.91
C ALA A 259 14.58 0.47 -16.59
N ASN A 260 14.57 0.66 -17.91
CA ASN A 260 15.77 0.51 -18.73
C ASN A 260 16.51 1.83 -18.79
N ALA A 261 17.68 1.83 -19.43
CA ALA A 261 18.50 3.04 -19.44
C ALA A 261 17.80 4.22 -20.13
N GLU A 262 17.09 3.96 -21.22
CA GLU A 262 16.40 5.03 -21.94
C GLU A 262 15.30 5.66 -21.08
N ALA A 263 14.49 4.83 -20.45
CA ALA A 263 13.39 5.33 -19.63
C ALA A 263 13.92 6.11 -18.43
N LEU A 264 14.96 5.58 -17.78
CA LEU A 264 15.54 6.28 -16.64
C LEU A 264 16.11 7.64 -17.04
N ALA A 265 16.81 7.70 -18.17
CA ALA A 265 17.35 8.98 -18.64
C ALA A 265 16.25 10.00 -18.98
N GLU A 266 15.15 9.51 -19.56
CA GLU A 266 14.01 10.35 -19.92
C GLU A 266 13.32 10.92 -18.68
N LEU A 267 13.06 10.04 -17.71
CA LEU A 267 12.35 10.43 -16.49
C LEU A 267 13.23 11.27 -15.58
N ASN A 268 14.50 10.88 -15.50
CA ASN A 268 15.51 11.57 -14.70
C ASN A 268 15.00 12.11 -13.35
N PRO A 269 14.57 11.19 -12.47
CA PRO A 269 14.10 11.61 -11.17
C PRO A 269 15.23 12.13 -10.28
N ASP A 270 14.83 12.90 -9.27
CA ASP A 270 15.68 13.30 -8.16
C ASP A 270 15.73 12.27 -7.03
N VAL A 271 14.66 11.47 -6.89
CA VAL A 271 14.55 10.44 -5.84
C VAL A 271 13.90 9.21 -6.43
N PHE A 272 14.45 8.04 -6.14
CA PHE A 272 13.76 6.78 -6.40
C PHE A 272 13.00 6.41 -5.15
N VAL A 273 11.70 6.16 -5.28
CA VAL A 273 10.91 5.63 -4.19
C VAL A 273 10.81 4.13 -4.41
N MET A 274 11.16 3.36 -3.38
CA MET A 274 11.24 1.92 -3.49
C MET A 274 10.65 1.27 -2.25
N MET A 275 10.49 -0.04 -2.34
CA MET A 275 10.13 -0.88 -1.22
C MET A 275 11.40 -1.45 -0.60
N SER A 276 11.47 -1.49 0.71
CA SER A 276 12.69 -1.87 1.45
CA SER A 276 12.73 -1.83 1.37
C SER A 276 13.20 -3.28 1.14
N GLU A 277 12.33 -4.27 1.32
CA GLU A 277 12.72 -5.66 1.01
C GLU A 277 13.02 -5.83 -0.49
N GLY A 278 12.27 -5.14 -1.33
CA GLY A 278 12.54 -5.12 -2.76
C GLY A 278 13.93 -4.58 -3.11
N LEU A 279 14.32 -3.50 -2.44
CA LEU A 279 15.66 -2.95 -2.61
C LEU A 279 16.73 -3.96 -2.17
N VAL A 280 16.51 -4.62 -1.05
CA VAL A 280 17.43 -5.67 -0.61
C VAL A 280 17.52 -6.76 -1.68
N SER A 281 16.39 -7.12 -2.27
CA SER A 281 16.36 -8.19 -3.26
C SER A 281 17.18 -7.90 -4.51
N THR A 282 17.44 -6.62 -4.82
CA THR A 282 18.33 -6.29 -5.93
C THR A 282 19.75 -5.94 -5.48
N GLY A 283 20.11 -6.30 -4.26
CA GLY A 283 21.46 -6.10 -3.73
C GLY A 283 21.68 -4.81 -2.98
N GLY A 284 20.59 -4.22 -2.49
CA GLY A 284 20.67 -2.96 -1.79
C GLY A 284 21.03 -1.82 -2.73
N ILE A 285 21.38 -0.69 -2.16
CA ILE A 285 21.70 0.48 -2.96
C ILE A 285 22.90 0.19 -3.89
N ASP A 286 23.88 -0.56 -3.42
CA ASP A 286 25.04 -0.90 -4.28
C ASP A 286 24.62 -1.74 -5.51
N GLY A 287 23.72 -2.69 -5.31
CA GLY A 287 23.19 -3.48 -6.42
C GLY A 287 22.32 -2.64 -7.35
N LEU A 288 21.51 -1.75 -6.77
CA LEU A 288 20.71 -0.85 -7.58
C LEU A 288 21.58 0.01 -8.50
N MET A 289 22.67 0.55 -7.95
CA MET A 289 23.56 1.41 -8.71
C MET A 289 24.28 0.70 -9.87
N GLU A 290 24.31 -0.64 -9.87
CA GLU A 290 24.86 -1.42 -10.99
C GLU A 290 23.92 -1.50 -12.18
N ARG A 291 22.63 -1.22 -11.99
CA ARG A 291 21.65 -1.42 -13.04
C ARG A 291 21.77 -0.31 -14.11
N PRO A 292 21.76 -0.68 -15.40
CA PRO A 292 21.95 0.31 -16.46
C PRO A 292 21.04 1.54 -16.34
N GLY A 293 21.63 2.72 -16.42
CA GLY A 293 20.87 3.95 -16.40
C GLY A 293 20.63 4.56 -15.04
N ILE A 294 20.74 3.78 -13.96
CA ILE A 294 20.46 4.31 -12.63
C ILE A 294 21.47 5.37 -12.24
N ALA A 295 22.75 5.05 -12.38
CA ALA A 295 23.80 5.93 -11.87
C ALA A 295 23.85 7.28 -12.60
N GLN A 296 23.33 7.33 -13.82
CA GLN A 296 23.35 8.53 -14.65
C GLN A 296 22.24 9.56 -14.35
N THR A 297 21.17 9.15 -13.66
CA THR A 297 20.08 10.05 -13.27
C THR A 297 20.55 10.93 -12.12
N THR A 298 19.84 12.02 -11.86
CA THR A 298 20.16 12.85 -10.69
C THR A 298 20.08 12.02 -9.41
N ALA A 299 19.01 11.26 -9.26
CA ALA A 299 18.86 10.38 -8.09
C ALA A 299 20.06 9.43 -7.95
N GLY A 300 20.46 8.83 -9.06
CA GLY A 300 21.61 7.92 -9.04
C GLY A 300 22.90 8.62 -8.64
N GLN A 301 23.09 9.83 -9.16
CA GLN A 301 24.27 10.65 -8.85
C GLN A 301 24.34 11.05 -7.38
N ASN A 302 23.17 11.14 -6.73
CA ASN A 302 23.06 11.42 -5.30
C ASN A 302 22.77 10.18 -4.45
N GLN A 303 22.77 9.00 -5.09
CA GLN A 303 22.39 7.74 -4.48
C GLN A 303 21.11 7.89 -3.65
N ARG A 304 20.15 8.60 -4.21
CA ARG A 304 18.99 9.06 -3.43
C ARG A 304 17.80 8.15 -3.60
N VAL A 305 17.57 7.34 -2.57
CA VAL A 305 16.50 6.35 -2.58
C VAL A 305 15.72 6.51 -1.27
N LEU A 306 14.40 6.57 -1.40
CA LEU A 306 13.50 6.54 -0.26
C LEU A 306 12.86 5.15 -0.27
N ALA A 307 13.26 4.32 0.69
CA ALA A 307 12.76 2.94 0.78
C ALA A 307 11.69 2.88 1.85
N LEU A 308 10.51 2.37 1.46
CA LEU A 308 9.36 2.30 2.33
C LEU A 308 9.03 0.85 2.65
N PRO A 309 8.44 0.59 3.82
CA PRO A 309 8.05 -0.78 4.14
C PRO A 309 7.15 -1.35 3.05
N ASP A 310 7.51 -2.51 2.52
CA ASP A 310 6.87 -3.03 1.29
C ASP A 310 5.36 -3.10 1.40
N GLY A 311 4.89 -3.66 2.52
CA GLY A 311 3.48 -3.92 2.71
C GLY A 311 2.64 -2.71 3.11
N GLN A 312 3.29 -1.58 3.37
CA GLN A 312 2.61 -0.31 3.59
C GLN A 312 2.73 0.66 2.40
N SER A 313 3.82 0.55 1.64
CA SER A 313 4.22 1.53 0.64
C SER A 313 3.09 1.95 -0.29
N LEU A 314 2.33 0.98 -0.80
CA LEU A 314 1.23 1.24 -1.73
C LEU A 314 -0.09 0.71 -1.20
N ALA A 315 -0.17 0.49 0.11
CA ALA A 315 -1.38 -0.01 0.75
C ALA A 315 -2.40 1.10 0.99
N PHE A 316 -1.93 2.34 1.08
CA PHE A 316 -2.79 3.45 1.48
C PHE A 316 -3.58 3.04 2.71
N GLY A 317 -4.89 3.19 2.72
CA GLY A 317 -5.65 2.76 3.87
C GLY A 317 -5.37 3.56 5.12
N ALA A 318 -5.62 2.93 6.25
CA ALA A 318 -5.70 3.62 7.52
C ALA A 318 -4.42 4.32 7.94
N GLN A 319 -3.27 3.75 7.57
CA GLN A 319 -1.99 4.26 8.04
C GLN A 319 -1.32 5.23 7.05
N THR A 320 -2.06 5.68 6.05
CA THR A 320 -1.47 6.56 5.03
C THR A 320 -0.86 7.81 5.63
N GLY A 321 -1.56 8.47 6.54
CA GLY A 321 -1.05 9.70 7.11
C GLY A 321 0.29 9.52 7.78
N GLU A 322 0.39 8.49 8.59
CA GLU A 322 1.65 8.19 9.26
C GLU A 322 2.77 7.87 8.28
N LEU A 323 2.47 7.07 7.25
CA LEU A 323 3.47 6.80 6.21
C LEU A 323 3.96 8.09 5.59
N LEU A 324 3.04 8.98 5.22
CA LEU A 324 3.43 10.25 4.59
C LEU A 324 4.31 11.09 5.53
N LEU A 325 3.95 11.14 6.81
CA LEU A 325 4.74 11.94 7.75
C LEU A 325 6.16 11.38 7.93
N ARG A 326 6.26 10.06 8.13
N ARG A 326 6.27 10.07 8.12
CA ARG A 326 7.57 9.42 8.31
CA ARG A 326 7.59 9.49 8.33
C ARG A 326 8.43 9.58 7.07
C ARG A 326 8.45 9.50 7.08
N ALA A 327 7.83 9.34 5.91
CA ALA A 327 8.55 9.42 4.64
C ALA A 327 8.97 10.87 4.36
N SER A 328 8.06 11.82 4.58
CA SER A 328 8.40 13.24 4.34
CA SER A 328 8.40 13.24 4.35
C SER A 328 9.50 13.75 5.28
N ARG A 329 9.53 13.25 6.52
CA ARG A 329 10.62 13.59 7.43
C ARG A 329 11.95 13.19 6.80
N GLU A 330 12.01 12.02 6.21
CA GLU A 330 13.26 11.54 5.59
C GLU A 330 13.63 12.31 4.32
N LEU A 331 12.62 12.73 3.56
CA LEU A 331 12.87 13.53 2.36
C LEU A 331 13.34 14.94 2.63
N TYR A 332 12.81 15.56 3.69
CA TYR A 332 12.93 17.01 3.84
C TYR A 332 13.59 17.52 5.11
N VAL A 333 13.81 16.65 6.09
CA VAL A 333 14.43 17.04 7.36
C VAL A 333 15.82 16.43 7.46
CHA HEM B . 7.62 -10.77 -4.18
CHB HEM B . 5.12 -6.95 -2.60
CHC HEM B . 4.07 -5.76 -7.18
CHD HEM B . 6.49 -9.67 -8.73
C1A HEM B . 7.07 -9.81 -3.37
C2A HEM B . 7.19 -9.78 -1.94
C3A HEM B . 6.47 -8.71 -1.52
C4A HEM B . 5.92 -8.08 -2.66
CMA HEM B . 6.28 -8.23 -0.09
CAA HEM B . 7.93 -10.78 -1.04
CBA HEM B . 9.42 -10.98 -1.27
CGA HEM B . 9.80 -12.33 -0.71
O1A HEM B . 10.55 -12.43 0.29
O2A HEM B . 9.37 -13.39 -1.23
C1B HEM B . 4.60 -6.30 -3.71
C2B HEM B . 3.82 -5.11 -3.63
C3B HEM B . 3.50 -4.75 -4.90
C4B HEM B . 4.13 -5.76 -5.79
CMB HEM B . 3.41 -4.38 -2.37
CAB HEM B . 2.75 -3.50 -5.21
CBB HEM B . 2.81 -2.83 -6.35
C1C HEM B . 4.66 -6.71 -8.03
C2C HEM B . 4.62 -6.68 -9.44
C3C HEM B . 5.32 -7.81 -9.90
C4C HEM B . 5.76 -8.51 -8.73
CMC HEM B . 3.95 -5.61 -10.29
CAC HEM B . 5.57 -8.27 -11.30
CBC HEM B . 5.09 -7.72 -12.43
C1D HEM B . 6.99 -10.26 -7.58
C2D HEM B . 7.81 -11.49 -7.66
C3D HEM B . 8.12 -11.78 -6.38
C4D HEM B . 7.49 -10.76 -5.55
CMD HEM B . 8.24 -12.27 -8.88
CAD HEM B . 8.95 -12.98 -5.92
CBD HEM B . 10.33 -12.57 -5.42
CGD HEM B . 10.88 -13.64 -4.50
O1D HEM B . 10.87 -14.85 -4.86
O2D HEM B . 11.34 -13.33 -3.38
NA HEM B . 6.27 -8.76 -3.79
NB HEM B . 4.76 -6.64 -5.00
NC HEM B . 5.32 -7.83 -7.63
ND HEM B . 6.80 -9.86 -6.30
FE HEM B . 5.81 -8.32 -5.68
#